data_5Y2F
#
_entry.id   5Y2F
#
_cell.length_a   162.422
_cell.length_b   162.422
_cell.length_c   162.422
_cell.angle_alpha   90.00
_cell.angle_beta   90.00
_cell.angle_gamma   90.00
#
_symmetry.space_group_name_H-M   'P 41 3 2'
#
loop_
_entity.id
_entity.type
_entity.pdbx_description
1 polymer 'NAD-dependent protein deacetylase sirtuin-6'
2 polymer '9-mer peptide QTARKSTGG'
3 non-polymer '[(2R,3S,4R,5R)-5-(6-AMINOPURIN-9-YL)-3,4-DIHYDROXY-OXOLAN-2-YL]METHYL[HYDROXY-[[(2R,3S,4R,5S)-3,4,5-TRIHYDROXYOXOLAN-2-YL]METHOXY]PHOSPHORYL] HYDROGEN PHOSPHATE'
4 non-polymer '5-[[3,5-bis(chloranyl)phenyl]sulfonylamino]-2-[(5-bromanyl-4-fluoranyl-2-methyl-phenyl)sulfamoyl]benzoic acid'
5 non-polymer 'ZINC ION'
6 non-polymer GLYCEROL
7 non-polymer 'SULFATE ION'
8 non-polymer DI(HYDROXYETHYL)ETHER
9 non-polymer 'HEXADECANE-1-SULFINIC ACID'
10 water water
#
loop_
_entity_poly.entity_id
_entity_poly.type
_entity_poly.pdbx_seq_one_letter_code
_entity_poly.pdbx_strand_id
1 'polypeptide(L)'
;VNYAAGLSPYADKGKCGLPEIFDPPEELERKVWELARLVWQSSSVVFHTGAGISTASGIPDFRGPHGVWTMEERGLAPKF
DTTFESARPTQTHMALVQLERVGLLRFLVSQNVDGLHVRSGFPRDKLAELHGNMFVEECAKCKTQYVRDTVVGTMGLKAT
GRLCTVAKARGLRACRGELRDTILDWEDSLPDRDLALADEASRNADLSITLGTSLQIRPSGNLPLATKRRGGRLVIVNLQ
PTKHDRHADLRIHGYVDEVMTRLMKHLGLEIPAWDGPRVLERALPPLPRPPTPKLEPKEESPTRINGSIPAGPKQE
;
A
2 'polypeptide(L)' QTARKSTGG C
#
loop_
_chem_comp.id
_chem_comp.type
_chem_comp.name
_chem_comp.formula
8L9 non-polymer '5-[[3,5-bis(chloranyl)phenyl]sulfonylamino]-2-[(5-bromanyl-4-fluoranyl-2-methyl-phenyl)sulfamoyl]benzoic acid' 'C20 H14 Br Cl2 F N2 O6 S2'
AR6 non-polymer '[(2R,3S,4R,5R)-5-(6-AMINOPURIN-9-YL)-3,4-DIHYDROXY-OXOLAN-2-YL]METHYL[HYDROXY-[[(2R,3S,4R,5S)-3,4,5-TRIHYDROXYOXOLAN-2-YL]METHOXY]PHOSPHORYL] HYDROGEN PHOSPHATE' 'C15 H23 N5 O14 P2'
GOL non-polymer GLYCEROL 'C3 H8 O3'
HDR non-polymer 'HEXADECANE-1-SULFINIC ACID' 'C16 H34 O2 S'
PEG non-polymer DI(HYDROXYETHYL)ETHER 'C4 H10 O3'
SO4 non-polymer 'SULFATE ION' 'O4 S -2'
ZN non-polymer 'ZINC ION' 'Zn 2'
#
# COMPACT_ATOMS: atom_id res chain seq x y z
N VAL A 1 -21.27 -0.49 8.04
CA VAL A 1 -20.74 0.86 7.69
C VAL A 1 -21.14 1.27 6.27
N ASN A 2 -20.91 0.37 5.31
CA ASN A 2 -21.39 0.50 3.94
C ASN A 2 -22.56 -0.49 3.88
N TYR A 3 -23.75 0.06 3.66
CA TYR A 3 -25.01 -0.58 4.05
C TYR A 3 -25.36 -1.78 3.16
N ALA A 4 -25.36 -1.54 1.84
CA ALA A 4 -25.54 -2.60 0.83
C ALA A 4 -24.28 -3.49 0.71
N ALA A 5 -23.11 -2.93 1.06
CA ALA A 5 -21.85 -3.68 1.13
C ALA A 5 -21.81 -4.75 2.25
N GLY A 6 -22.69 -4.63 3.24
CA GLY A 6 -22.86 -5.64 4.27
C GLY A 6 -21.72 -5.74 5.28
N LEU A 7 -20.99 -4.64 5.47
CA LEU A 7 -19.83 -4.58 6.37
C LEU A 7 -20.23 -4.17 7.78
N SER A 8 -19.40 -4.53 8.75
CA SER A 8 -19.70 -4.27 10.14
C SER A 8 -19.86 -2.78 10.43
N PRO A 9 -20.96 -2.39 11.08
CA PRO A 9 -21.12 -1.00 11.55
C PRO A 9 -20.50 -0.76 12.95
N TYR A 10 -19.75 -1.73 13.47
CA TYR A 10 -19.14 -1.65 14.81
C TYR A 10 -17.69 -1.24 14.83
N ALA A 11 -17.18 -0.70 13.74
CA ALA A 11 -15.75 -0.37 13.66
C ALA A 11 -15.35 0.92 14.39
N ASP A 12 -14.17 0.93 15.00
CA ASP A 12 -13.59 2.19 15.45
C ASP A 12 -12.92 2.80 14.20
N LYS A 13 -13.47 3.91 13.73
CA LYS A 13 -12.90 4.67 12.62
C LYS A 13 -11.60 5.42 12.96
N GLY A 14 -11.24 5.53 14.24
CA GLY A 14 -10.06 6.29 14.64
C GLY A 14 -10.21 7.78 14.46
N LYS A 15 -9.07 8.46 14.43
CA LYS A 15 -9.06 9.91 14.38
C LYS A 15 -9.10 10.45 12.93
N CYS A 16 -10.20 11.14 12.65
CA CYS A 16 -10.56 11.56 11.31
C CYS A 16 -10.54 13.07 11.16
N GLY A 17 -10.12 13.53 9.99
CA GLY A 17 -10.21 14.93 9.63
C GLY A 17 -9.21 15.87 10.26
N LEU A 18 -8.12 15.38 10.81
CA LEU A 18 -7.03 16.26 11.24
C LEU A 18 -6.56 17.16 10.10
N PRO A 19 -6.16 18.39 10.41
CA PRO A 19 -5.75 19.24 9.30
C PRO A 19 -4.41 18.83 8.70
N GLU A 20 -4.24 19.17 7.43
CA GLU A 20 -3.03 18.86 6.69
C GLU A 20 -1.97 19.93 6.95
N ILE A 21 -0.73 19.48 7.10
CA ILE A 21 0.45 20.32 7.16
C ILE A 21 1.19 20.26 5.82
N PHE A 22 1.79 21.39 5.42
CA PHE A 22 2.68 21.47 4.25
C PHE A 22 4.03 22.08 4.64
N ASP A 23 5.11 21.28 4.55
CA ASP A 23 6.46 21.78 4.77
C ASP A 23 6.76 22.88 3.73
N PRO A 24 7.37 24.02 4.16
CA PRO A 24 7.69 25.07 3.17
C PRO A 24 8.70 24.58 2.11
N PRO A 25 8.52 24.99 0.82
CA PRO A 25 9.34 24.55 -0.33
C PRO A 25 10.82 24.30 -0.07
N GLU A 26 11.51 25.25 0.57
CA GLU A 26 12.92 25.08 0.90
C GLU A 26 13.18 23.88 1.82
N GLU A 27 12.36 23.73 2.85
CA GLU A 27 12.46 22.60 3.78
C GLU A 27 12.12 21.23 3.11
N LEU A 28 11.14 21.25 2.21
CA LEU A 28 10.79 20.06 1.43
C LEU A 28 11.99 19.56 0.65
N GLU A 29 12.55 20.44 -0.20
CA GLU A 29 13.69 20.11 -1.06
C GLU A 29 14.86 19.52 -0.25
N ARG A 30 15.17 20.13 0.88
CA ARG A 30 16.22 19.62 1.76
C ARG A 30 15.91 18.21 2.28
N LYS A 31 14.67 17.99 2.70
CA LYS A 31 14.25 16.70 3.25
C LYS A 31 14.24 15.59 2.18
N VAL A 32 13.79 15.92 0.98
CA VAL A 32 13.79 14.94 -0.10
C VAL A 32 15.23 14.57 -0.55
N TRP A 33 16.14 15.55 -0.56
CA TRP A 33 17.57 15.24 -0.76
C TRP A 33 18.04 14.26 0.32
N GLU A 34 17.67 14.51 1.57
CA GLU A 34 18.05 13.59 2.65
C GLU A 34 17.46 12.17 2.46
N LEU A 35 16.22 12.08 1.96
CA LEU A 35 15.61 10.77 1.68
C LEU A 35 16.40 9.96 0.65
N ALA A 36 16.74 10.64 -0.45
CA ALA A 36 17.54 10.09 -1.55
C ALA A 36 18.89 9.53 -1.08
N ARG A 37 19.58 10.26 -0.21
CA ARG A 37 20.79 9.74 0.45
C ARG A 37 20.47 8.44 1.14
N LEU A 38 19.43 8.46 1.96
CA LEU A 38 19.03 7.29 2.76
C LEU A 38 18.65 6.09 1.89
N VAL A 39 17.94 6.33 0.79
CA VAL A 39 17.61 5.24 -0.10
C VAL A 39 18.91 4.64 -0.60
N TRP A 40 19.74 5.46 -1.24
CA TRP A 40 21.03 5.02 -1.81
C TRP A 40 21.92 4.32 -0.77
N GLN A 41 22.16 5.01 0.33
CA GLN A 41 22.97 4.52 1.45
C GLN A 41 22.45 3.17 2.03
N SER A 42 21.14 2.95 1.98
CA SER A 42 20.54 1.78 2.63
C SER A 42 20.51 0.58 1.72
N SER A 43 20.73 -0.60 2.29
CA SER A 43 20.76 -1.83 1.50
C SER A 43 19.35 -2.39 1.37
N SER A 44 18.70 -2.67 2.51
CA SER A 44 17.30 -3.18 2.54
C SER A 44 16.23 -2.11 2.86
N VAL A 45 15.50 -1.69 1.83
CA VAL A 45 14.49 -0.63 1.91
C VAL A 45 13.08 -1.21 1.71
N VAL A 46 12.19 -0.95 2.66
CA VAL A 46 10.81 -1.40 2.60
C VAL A 46 9.86 -0.19 2.57
N PHE A 47 8.97 -0.15 1.60
CA PHE A 47 7.93 0.87 1.54
C PHE A 47 6.63 0.36 2.14
N HIS A 48 5.90 1.26 2.80
CA HIS A 48 4.59 0.97 3.37
C HIS A 48 3.61 1.97 2.83
N THR A 49 2.60 1.52 2.10
CA THR A 49 1.68 2.46 1.46
C THR A 49 0.28 2.34 1.99
N GLY A 50 -0.36 3.52 2.07
CA GLY A 50 -1.76 3.68 2.41
C GLY A 50 -2.50 4.54 1.42
N ALA A 51 -3.74 4.87 1.77
CA ALA A 51 -4.69 5.47 0.86
C ALA A 51 -4.24 6.81 0.26
N GLY A 52 -3.30 7.49 0.92
CA GLY A 52 -2.78 8.75 0.44
C GLY A 52 -2.11 8.69 -0.93
N ILE A 53 -1.59 7.52 -1.31
CA ILE A 53 -0.95 7.42 -2.60
C ILE A 53 -1.91 7.21 -3.76
N SER A 54 -3.20 7.00 -3.50
CA SER A 54 -4.19 6.91 -4.59
C SER A 54 -5.13 8.12 -4.66
N THR A 55 -4.93 9.14 -3.82
CA THR A 55 -5.79 10.33 -3.89
C THR A 55 -5.62 11.08 -5.23
N ALA A 56 -4.39 11.18 -5.72
CA ALA A 56 -4.16 11.80 -7.03
C ALA A 56 -4.89 11.09 -8.17
N SER A 57 -5.19 9.80 -8.02
CA SER A 57 -5.94 9.10 -9.04
C SER A 57 -7.44 9.31 -8.91
N GLY A 58 -7.88 9.97 -7.85
CA GLY A 58 -9.30 10.28 -7.67
C GLY A 58 -10.04 9.36 -6.72
N ILE A 59 -9.31 8.48 -6.04
CA ILE A 59 -9.87 7.66 -4.99
C ILE A 59 -9.66 8.40 -3.67
N PRO A 60 -10.73 8.62 -2.90
CA PRO A 60 -10.56 9.27 -1.60
C PRO A 60 -9.84 8.38 -0.60
N ASP A 61 -9.19 9.04 0.35
CA ASP A 61 -8.62 8.33 1.52
C ASP A 61 -9.74 8.11 2.57
N PHE A 62 -9.35 7.60 3.73
CA PHE A 62 -10.29 7.28 4.81
C PHE A 62 -10.44 8.41 5.82
N ARG A 63 -9.33 9.01 6.22
CA ARG A 63 -9.30 9.92 7.38
C ARG A 63 -8.76 11.30 7.06
N GLY A 64 -8.58 11.61 5.78
CA GLY A 64 -8.16 12.94 5.39
C GLY A 64 -9.31 13.91 5.54
N PRO A 65 -9.09 15.19 5.18
CA PRO A 65 -10.14 16.20 5.27
C PRO A 65 -11.42 15.86 4.54
N HIS A 66 -11.34 15.12 3.43
CA HIS A 66 -12.56 14.62 2.76
C HIS A 66 -12.58 13.11 2.65
N GLY A 67 -12.08 12.43 3.67
CA GLY A 67 -11.99 10.98 3.65
C GLY A 67 -13.33 10.29 3.87
N VAL A 68 -13.40 9.03 3.48
CA VAL A 68 -14.63 8.28 3.55
C VAL A 68 -15.14 8.21 4.99
N TRP A 69 -14.25 7.89 5.95
CA TRP A 69 -14.64 7.87 7.36
C TRP A 69 -14.91 9.26 7.91
N THR A 70 -14.10 10.23 7.51
CA THR A 70 -14.29 11.60 7.93
C THR A 70 -15.67 12.14 7.58
N MET A 71 -16.13 11.85 6.38
CA MET A 71 -17.43 12.30 5.91
C MET A 71 -18.53 11.53 6.59
N GLU A 72 -18.39 10.22 6.76
CA GLU A 72 -19.41 9.44 7.47
C GLU A 72 -19.61 9.90 8.91
N GLU A 73 -18.53 10.26 9.58
CA GLU A 73 -18.57 10.69 10.95
C GLU A 73 -19.35 12.00 11.10
N ARG A 74 -19.36 12.85 10.07
CA ARG A 74 -20.06 14.12 10.13
C ARG A 74 -21.35 14.09 9.30
N GLY A 75 -21.91 12.92 9.07
CA GLY A 75 -23.20 12.79 8.43
C GLY A 75 -23.30 13.01 6.92
N LEU A 76 -22.16 12.94 6.23
CA LEU A 76 -22.11 13.20 4.79
C LEU A 76 -21.74 11.96 3.99
N ALA A 77 -22.21 11.97 2.74
CA ALA A 77 -21.89 10.92 1.79
C ALA A 77 -20.47 11.16 1.34
N PRO A 78 -19.70 10.10 1.09
CA PRO A 78 -18.35 10.33 0.53
C PRO A 78 -18.38 10.76 -0.93
N LYS A 79 -17.28 11.28 -1.45
CA LYS A 79 -17.22 11.62 -2.86
C LYS A 79 -16.05 10.92 -3.55
N PHE A 80 -16.34 10.37 -4.73
CA PHE A 80 -15.39 9.61 -5.50
C PHE A 80 -15.34 10.21 -6.90
N ASP A 81 -14.16 10.66 -7.31
CA ASP A 81 -13.97 11.20 -8.65
C ASP A 81 -13.98 10.09 -9.71
N THR A 82 -13.41 8.92 -9.39
CA THR A 82 -13.36 7.79 -10.31
C THR A 82 -13.77 6.44 -9.68
N THR A 83 -14.06 5.48 -10.54
CA THR A 83 -14.30 4.07 -10.17
C THR A 83 -13.00 3.34 -9.92
N PHE A 84 -13.05 2.19 -9.28
CA PHE A 84 -11.86 1.37 -9.10
C PHE A 84 -11.32 0.85 -10.44
N GLU A 85 -12.19 0.31 -11.31
CA GLU A 85 -11.76 -0.17 -12.65
C GLU A 85 -10.99 0.86 -13.45
N SER A 86 -11.46 2.10 -13.45
CA SER A 86 -10.92 3.14 -14.31
C SER A 86 -9.88 4.03 -13.63
N ALA A 87 -9.52 3.77 -12.38
CA ALA A 87 -8.47 4.55 -11.73
C ALA A 87 -7.15 4.21 -12.38
N ARG A 88 -6.23 5.17 -12.40
CA ARG A 88 -4.94 4.99 -13.05
C ARG A 88 -3.85 5.10 -12.00
N PRO A 89 -2.84 4.21 -12.07
CA PRO A 89 -1.67 4.36 -11.23
C PRO A 89 -1.11 5.77 -11.26
N THR A 90 -0.64 6.23 -10.12
CA THR A 90 -0.06 7.54 -9.97
C THR A 90 1.44 7.44 -10.23
N GLN A 91 2.10 8.58 -10.24
CA GLN A 91 3.55 8.66 -10.33
C GLN A 91 4.22 7.94 -9.16
N THR A 92 3.59 8.01 -7.99
CA THR A 92 4.08 7.27 -6.84
C THR A 92 4.05 5.76 -7.12
N HIS A 93 2.93 5.26 -7.66
CA HIS A 93 2.81 3.85 -8.00
C HIS A 93 3.89 3.45 -8.99
N MET A 94 4.02 4.26 -10.04
CA MET A 94 4.95 3.97 -11.11
C MET A 94 6.40 4.10 -10.64
N ALA A 95 6.68 5.10 -9.80
CA ALA A 95 8.01 5.23 -9.20
C ALA A 95 8.40 4.00 -8.42
N LEU A 96 7.46 3.44 -7.65
CA LEU A 96 7.77 2.26 -6.85
C LEU A 96 8.11 1.05 -7.70
N VAL A 97 7.47 0.95 -8.86
CA VAL A 97 7.77 -0.11 -9.82
C VAL A 97 9.23 -0.02 -10.27
N GLN A 98 9.64 1.18 -10.66
CA GLN A 98 11.03 1.40 -11.11
C GLN A 98 12.03 1.14 -10.01
N LEU A 99 11.75 1.62 -8.79
CA LEU A 99 12.65 1.36 -7.67
C LEU A 99 12.83 -0.11 -7.43
N GLU A 100 11.80 -0.91 -7.69
CA GLU A 100 11.92 -2.36 -7.52
C GLU A 100 12.80 -2.97 -8.61
N ARG A 101 12.64 -2.49 -9.85
CA ARG A 101 13.41 -3.01 -10.97
C ARG A 101 14.92 -2.85 -10.75
N VAL A 102 15.31 -1.70 -10.19
CA VAL A 102 16.72 -1.39 -9.96
C VAL A 102 17.28 -1.79 -8.58
N GLY A 103 16.56 -2.62 -7.83
CA GLY A 103 17.08 -3.11 -6.56
C GLY A 103 17.12 -2.13 -5.38
N LEU A 104 16.51 -0.95 -5.53
CA LEU A 104 16.38 0.02 -4.41
C LEU A 104 15.15 -0.19 -3.50
N LEU A 105 14.45 -1.31 -3.67
CA LEU A 105 13.25 -1.62 -2.90
C LEU A 105 13.20 -3.15 -2.69
N ARG A 106 13.27 -3.60 -1.44
CA ARG A 106 13.27 -5.02 -1.16
C ARG A 106 11.84 -5.55 -1.24
N PHE A 107 10.91 -4.83 -0.61
CA PHE A 107 9.55 -5.30 -0.40
C PHE A 107 8.63 -4.12 -0.29
N LEU A 108 7.37 -4.31 -0.67
CA LEU A 108 6.33 -3.30 -0.61
C LEU A 108 5.14 -3.83 0.21
N VAL A 109 4.76 -3.14 1.30
CA VAL A 109 3.63 -3.54 2.18
C VAL A 109 2.53 -2.49 2.02
N SER A 110 1.31 -2.91 1.69
CA SER A 110 0.25 -1.94 1.42
C SER A 110 -1.06 -2.29 2.10
N GLN A 111 -1.73 -1.26 2.57
CA GLN A 111 -3.00 -1.43 3.20
C GLN A 111 -4.12 -1.17 2.21
N ASN A 112 -3.76 -0.79 0.98
CA ASN A 112 -4.73 -0.43 -0.03
C ASN A 112 -5.41 -1.64 -0.69
N VAL A 113 -6.71 -1.53 -0.84
CA VAL A 113 -7.52 -2.50 -1.53
C VAL A 113 -7.83 -2.06 -2.99
N ASP A 114 -7.30 -0.92 -3.43
CA ASP A 114 -7.63 -0.36 -4.74
C ASP A 114 -7.10 -1.12 -5.98
N GLY A 115 -6.24 -2.12 -5.77
CA GLY A 115 -5.69 -2.94 -6.83
C GLY A 115 -4.62 -2.26 -7.68
N LEU A 116 -4.29 -1.01 -7.38
CA LEU A 116 -3.42 -0.25 -8.26
C LEU A 116 -1.95 -0.70 -8.25
N HIS A 117 -1.41 -1.22 -7.14
CA HIS A 117 -0.04 -1.72 -7.19
C HIS A 117 0.09 -2.86 -8.22
N VAL A 118 -0.82 -3.82 -8.12
CA VAL A 118 -0.84 -4.96 -9.02
C VAL A 118 -1.04 -4.48 -10.45
N ARG A 119 -2.00 -3.62 -10.67
CA ARG A 119 -2.30 -3.19 -12.03
C ARG A 119 -1.21 -2.30 -12.61
N SER A 120 -0.38 -1.69 -11.76
CA SER A 120 0.76 -0.88 -12.22
C SER A 120 1.90 -1.71 -12.80
N GLY A 121 1.87 -3.02 -12.56
CA GLY A 121 2.93 -3.92 -12.98
C GLY A 121 3.88 -4.33 -11.89
N PHE A 122 3.57 -3.95 -10.65
CA PHE A 122 4.46 -4.24 -9.55
C PHE A 122 4.42 -5.75 -9.27
N PRO A 123 5.57 -6.36 -9.06
CA PRO A 123 5.56 -7.82 -8.92
C PRO A 123 4.88 -8.31 -7.65
N ARG A 124 3.93 -9.22 -7.80
CA ARG A 124 3.13 -9.72 -6.68
C ARG A 124 3.95 -10.39 -5.58
N ASP A 125 5.07 -11.02 -5.94
CA ASP A 125 5.93 -11.69 -4.93
C ASP A 125 6.76 -10.73 -4.09
N LYS A 126 6.69 -9.43 -4.38
CA LYS A 126 7.34 -8.43 -3.53
C LYS A 126 6.34 -7.46 -2.86
N LEU A 127 5.12 -7.94 -2.72
CA LEU A 127 3.99 -7.13 -2.34
C LEU A 127 3.12 -7.92 -1.35
N ALA A 128 2.87 -7.33 -0.18
CA ALA A 128 1.88 -7.88 0.74
C ALA A 128 0.72 -6.89 0.74
N GLU A 129 -0.45 -7.40 0.34
CA GLU A 129 -1.70 -6.64 0.36
C GLU A 129 -2.46 -7.05 1.63
N LEU A 130 -2.12 -6.39 2.73
CA LEU A 130 -2.56 -6.84 4.05
C LEU A 130 -4.06 -6.71 4.32
N HIS A 131 -4.76 -5.80 3.63
CA HIS A 131 -6.20 -5.65 3.80
C HIS A 131 -7.08 -6.18 2.62
N GLY A 132 -6.43 -6.85 1.64
CA GLY A 132 -7.10 -7.37 0.46
C GLY A 132 -6.89 -6.55 -0.80
N ASN A 133 -7.63 -6.94 -1.83
CA ASN A 133 -7.56 -6.34 -3.16
C ASN A 133 -8.94 -6.53 -3.78
N MET A 134 -9.60 -5.44 -4.18
CA MET A 134 -10.93 -5.51 -4.79
C MET A 134 -10.99 -6.46 -6.00
N PHE A 135 -9.85 -6.67 -6.67
CA PHE A 135 -9.80 -7.47 -7.88
C PHE A 135 -9.45 -8.93 -7.65
N VAL A 136 -9.12 -9.30 -6.41
CA VAL A 136 -8.64 -10.63 -6.15
C VAL A 136 -9.68 -11.40 -5.37
N GLU A 137 -10.00 -12.60 -5.82
CA GLU A 137 -10.86 -13.51 -5.07
C GLU A 137 -10.08 -14.79 -4.86
N GLU A 138 -10.47 -15.55 -3.86
CA GLU A 138 -9.68 -16.65 -3.35
C GLU A 138 -10.59 -17.84 -3.07
N CYS A 139 -10.08 -19.04 -3.23
CA CYS A 139 -10.89 -20.24 -3.07
C CYS A 139 -10.78 -20.68 -1.65
N ALA A 140 -11.93 -20.79 -1.00
CA ALA A 140 -12.01 -21.26 0.38
C ALA A 140 -11.39 -22.62 0.58
N LYS A 141 -11.55 -23.53 -0.38
CA LYS A 141 -11.03 -24.89 -0.25
C LYS A 141 -9.50 -24.96 -0.42
N CYS A 142 -8.99 -24.56 -1.59
CA CYS A 142 -7.55 -24.74 -1.88
C CYS A 142 -6.63 -23.49 -1.82
N LYS A 143 -7.21 -22.29 -1.58
CA LYS A 143 -6.45 -21.03 -1.38
C LYS A 143 -5.90 -20.43 -2.65
N THR A 144 -6.39 -20.87 -3.80
CA THR A 144 -5.92 -20.35 -5.06
C THR A 144 -6.57 -18.99 -5.28
N GLN A 145 -5.74 -18.01 -5.62
CA GLN A 145 -6.23 -16.65 -5.89
C GLN A 145 -6.44 -16.46 -7.37
N TYR A 146 -7.42 -15.64 -7.72
CA TYR A 146 -7.71 -15.26 -9.07
C TYR A 146 -7.61 -13.76 -9.14
N VAL A 147 -6.74 -13.22 -9.98
CA VAL A 147 -6.64 -11.80 -10.20
C VAL A 147 -7.54 -11.46 -11.38
N ARG A 148 -8.50 -10.56 -11.18
CA ARG A 148 -9.50 -10.26 -12.21
C ARG A 148 -9.31 -8.87 -12.78
N ASP A 149 -10.00 -8.59 -13.86
CA ASP A 149 -9.92 -7.30 -14.54
C ASP A 149 -10.96 -6.32 -14.04
N THR A 150 -12.02 -6.85 -13.43
CA THR A 150 -13.06 -6.05 -12.83
C THR A 150 -13.17 -6.48 -11.37
N VAL A 151 -13.77 -5.64 -10.55
CA VAL A 151 -13.78 -5.91 -9.10
C VAL A 151 -14.66 -7.10 -8.88
N VAL A 152 -14.31 -7.93 -7.91
CA VAL A 152 -14.98 -9.21 -7.73
C VAL A 152 -16.42 -9.11 -7.23
N GLY A 153 -16.82 -7.96 -6.68
CA GLY A 153 -18.22 -7.67 -6.35
C GLY A 153 -18.71 -7.92 -4.92
N THR A 154 -17.90 -8.48 -4.03
CA THR A 154 -18.24 -8.51 -2.60
C THR A 154 -17.06 -8.04 -1.74
N MET A 155 -17.36 -7.78 -0.47
CA MET A 155 -16.40 -7.34 0.56
C MET A 155 -16.67 -8.06 1.87
N GLY A 156 -15.66 -8.22 2.72
CA GLY A 156 -15.86 -8.86 4.01
C GLY A 156 -15.75 -10.37 3.96
N LEU A 157 -14.95 -10.87 3.02
CA LEU A 157 -14.67 -12.31 2.87
C LEU A 157 -15.93 -13.17 2.59
N LYS A 158 -16.85 -12.58 1.82
CA LYS A 158 -18.09 -13.23 1.38
C LYS A 158 -17.91 -13.95 0.06
N ALA A 159 -18.74 -14.96 -0.15
CA ALA A 159 -18.79 -15.68 -1.43
C ALA A 159 -19.17 -14.74 -2.57
N THR A 160 -18.48 -14.87 -3.71
CA THR A 160 -18.73 -13.99 -4.87
C THR A 160 -19.70 -14.62 -5.84
N GLY A 161 -20.05 -15.89 -5.59
CA GLY A 161 -20.95 -16.64 -6.46
C GLY A 161 -20.25 -17.21 -7.69
N ARG A 162 -18.96 -17.51 -7.59
CA ARG A 162 -18.19 -18.19 -8.64
C ARG A 162 -17.46 -19.30 -7.98
N LEU A 163 -17.12 -20.34 -8.75
CA LEU A 163 -16.45 -21.49 -8.20
C LEU A 163 -15.06 -21.65 -8.78
N CYS A 164 -14.26 -22.39 -8.03
CA CYS A 164 -12.88 -22.64 -8.34
C CYS A 164 -12.79 -23.54 -9.57
N THR A 165 -11.89 -23.20 -10.50
CA THR A 165 -11.73 -23.91 -11.79
C THR A 165 -10.45 -24.73 -11.90
N VAL A 166 -9.65 -24.78 -10.83
CA VAL A 166 -8.39 -25.53 -10.81
C VAL A 166 -8.66 -27.02 -11.04
N ALA A 167 -7.91 -27.65 -11.95
CA ALA A 167 -7.90 -29.12 -12.09
C ALA A 167 -6.86 -29.68 -11.12
N LYS A 168 -7.26 -30.63 -10.26
CA LYS A 168 -6.40 -31.06 -9.13
C LYS A 168 -5.12 -31.84 -9.52
N ALA A 169 -4.18 -31.94 -8.56
CA ALA A 169 -2.88 -32.58 -8.77
C ALA A 169 -3.02 -34.06 -9.16
N ARG A 170 -3.74 -34.83 -8.34
CA ARG A 170 -4.03 -36.25 -8.60
C ARG A 170 -5.52 -36.45 -8.90
N GLY A 171 -5.84 -36.69 -10.17
CA GLY A 171 -7.23 -36.86 -10.63
C GLY A 171 -7.60 -35.84 -11.70
N LEU A 172 -7.11 -34.61 -11.53
CA LEU A 172 -7.37 -33.44 -12.41
C LEU A 172 -8.83 -33.25 -12.85
N ARG A 173 -9.72 -33.26 -11.85
CA ARG A 173 -11.10 -32.78 -12.00
C ARG A 173 -11.24 -31.49 -11.14
N ALA A 174 -12.07 -30.55 -11.61
CA ALA A 174 -12.23 -29.21 -11.01
C ALA A 174 -12.44 -29.21 -9.48
N CYS A 175 -11.75 -28.29 -8.78
CA CYS A 175 -11.85 -28.16 -7.32
C CYS A 175 -13.26 -27.80 -6.88
N ARG A 176 -13.85 -26.82 -7.56
CA ARG A 176 -15.24 -26.40 -7.34
C ARG A 176 -15.53 -25.64 -6.01
N GLY A 177 -14.50 -25.33 -5.24
CA GLY A 177 -14.67 -24.60 -3.97
C GLY A 177 -15.25 -23.19 -4.12
N GLU A 178 -15.73 -22.67 -3.01
CA GLU A 178 -16.39 -21.36 -2.99
C GLU A 178 -15.32 -20.25 -3.11
N LEU A 179 -15.45 -19.40 -4.12
CA LEU A 179 -14.60 -18.25 -4.26
C LEU A 179 -15.16 -17.10 -3.42
N ARG A 180 -14.28 -16.50 -2.61
CA ARG A 180 -14.60 -15.32 -1.82
C ARG A 180 -13.70 -14.13 -2.10
N ASP A 181 -14.23 -12.92 -1.88
CA ASP A 181 -13.43 -11.72 -1.92
C ASP A 181 -12.33 -11.79 -0.87
N THR A 182 -11.32 -10.92 -0.98
CA THR A 182 -10.19 -10.87 -0.02
C THR A 182 -10.20 -9.60 0.84
N ILE A 183 -11.25 -8.78 0.72
CA ILE A 183 -11.35 -7.53 1.47
C ILE A 183 -11.66 -7.84 2.94
N LEU A 184 -10.69 -7.59 3.83
CA LEU A 184 -10.93 -7.74 5.27
C LEU A 184 -11.97 -6.72 5.74
N ASP A 185 -12.93 -7.18 6.55
CA ASP A 185 -13.74 -6.26 7.36
C ASP A 185 -13.00 -5.99 8.64
N TRP A 186 -13.48 -4.98 9.36
CA TRP A 186 -13.07 -4.68 10.72
C TRP A 186 -12.92 -5.93 11.57
N GLU A 187 -11.74 -6.11 12.14
CA GLU A 187 -11.43 -7.22 13.03
C GLU A 187 -11.34 -8.62 12.41
N ASP A 188 -11.31 -8.73 11.09
CA ASP A 188 -10.91 -9.97 10.45
C ASP A 188 -9.41 -10.18 10.62
N SER A 189 -9.00 -11.45 10.61
CA SER A 189 -7.60 -11.81 10.67
C SER A 189 -6.94 -11.46 9.35
N LEU A 190 -5.72 -10.95 9.42
CA LEU A 190 -4.94 -10.66 8.22
C LEU A 190 -4.53 -11.97 7.52
N PRO A 191 -4.16 -11.88 6.23
CA PRO A 191 -3.60 -13.05 5.53
C PRO A 191 -2.27 -13.56 6.11
N ASP A 192 -2.24 -14.81 6.57
CA ASP A 192 -1.07 -15.42 7.25
C ASP A 192 0.23 -15.16 6.51
N ARG A 193 0.26 -15.55 5.25
CA ARG A 193 1.48 -15.53 4.46
C ARG A 193 1.93 -14.11 4.21
N ASP A 194 1.00 -13.27 3.74
CA ASP A 194 1.32 -11.89 3.44
C ASP A 194 1.83 -11.12 4.66
N LEU A 195 1.19 -11.33 5.81
CA LEU A 195 1.65 -10.70 7.04
C LEU A 195 3.06 -11.17 7.43
N ALA A 196 3.27 -12.47 7.37
CA ALA A 196 4.59 -13.06 7.72
C ALA A 196 5.70 -12.49 6.85
N LEU A 197 5.47 -12.45 5.54
CA LEU A 197 6.42 -11.83 4.62
C LEU A 197 6.65 -10.35 4.90
N ALA A 198 5.57 -9.61 5.14
CA ALA A 198 5.68 -8.18 5.48
C ALA A 198 6.45 -7.95 6.77
N ASP A 199 6.17 -8.76 7.77
CA ASP A 199 6.83 -8.74 9.07
C ASP A 199 8.34 -9.02 8.96
N GLU A 200 8.69 -10.08 8.24
CA GLU A 200 10.09 -10.44 8.04
C GLU A 200 10.79 -9.34 7.25
N ALA A 201 10.20 -8.90 6.13
CA ALA A 201 10.76 -7.77 5.40
C ALA A 201 10.97 -6.58 6.32
N SER A 202 10.00 -6.28 7.18
CA SER A 202 10.06 -5.09 8.03
C SER A 202 11.11 -5.20 9.14
N ARG A 203 11.17 -6.36 9.79
CA ARG A 203 12.18 -6.65 10.80
C ARG A 203 13.62 -6.45 10.27
N ASN A 204 13.91 -7.01 9.10
CA ASN A 204 15.25 -6.97 8.52
C ASN A 204 15.53 -5.75 7.65
N ALA A 205 14.56 -4.87 7.48
CA ALA A 205 14.83 -3.63 6.76
C ALA A 205 15.77 -2.74 7.54
N ASP A 206 16.60 -1.98 6.84
CA ASP A 206 17.35 -0.92 7.50
C ASP A 206 16.82 0.47 7.18
N LEU A 207 15.83 0.55 6.30
CA LEU A 207 15.08 1.78 6.07
C LEU A 207 13.62 1.40 5.76
N SER A 208 12.67 1.87 6.57
CA SER A 208 11.24 1.79 6.26
C SER A 208 10.73 3.17 5.94
N ILE A 209 10.01 3.30 4.84
CA ILE A 209 9.44 4.55 4.39
C ILE A 209 7.93 4.34 4.22
N THR A 210 7.14 5.18 4.89
CA THR A 210 5.69 5.13 4.81
C THR A 210 5.21 6.25 3.91
N LEU A 211 4.24 5.96 3.05
CA LEU A 211 3.71 6.93 2.14
C LEU A 211 2.19 6.91 2.20
N GLY A 212 1.59 8.02 2.63
CA GLY A 212 0.15 8.17 2.58
C GLY A 212 -0.65 7.23 3.50
N THR A 213 -0.12 6.92 4.68
CA THR A 213 -0.91 6.27 5.72
C THR A 213 -0.80 7.07 7.03
N SER A 214 -1.91 7.15 7.76
CA SER A 214 -1.90 7.79 9.10
C SER A 214 -1.46 6.82 10.21
N LEU A 215 -1.21 5.57 9.85
CA LEU A 215 -0.65 4.54 10.73
C LEU A 215 -1.51 4.20 11.95
N GLN A 216 -2.82 4.35 11.80
CA GLN A 216 -3.74 4.15 12.90
C GLN A 216 -4.23 2.74 13.02
N ILE A 217 -4.10 1.95 11.94
CA ILE A 217 -4.63 0.59 11.93
C ILE A 217 -3.50 -0.41 12.08
N ARG A 218 -3.66 -1.34 13.02
CA ARG A 218 -2.66 -2.36 13.32
C ARG A 218 -3.12 -3.72 12.76
N PRO A 219 -2.22 -4.67 12.52
CA PRO A 219 -0.79 -4.55 12.69
C PRO A 219 -0.04 -3.77 11.62
N SER A 220 -0.68 -3.45 10.49
CA SER A 220 -0.02 -2.74 9.39
C SER A 220 0.79 -1.55 9.82
N GLY A 221 0.15 -0.68 10.61
CA GLY A 221 0.72 0.61 11.02
C GLY A 221 1.92 0.49 11.94
N ASN A 222 2.07 -0.64 12.60
CA ASN A 222 3.22 -0.84 13.48
C ASN A 222 4.40 -1.55 12.83
N LEU A 223 4.20 -2.12 11.64
CA LEU A 223 5.28 -2.76 10.92
C LEU A 223 6.49 -1.83 10.68
N PRO A 224 6.27 -0.57 10.28
CA PRO A 224 7.42 0.34 10.13
C PRO A 224 8.22 0.57 11.39
N LEU A 225 7.62 0.37 12.56
CA LEU A 225 8.35 0.49 13.81
C LEU A 225 9.34 -0.64 14.02
N ALA A 226 9.02 -1.87 13.64
CA ALA A 226 9.95 -3.02 13.78
C ALA A 226 11.33 -2.73 13.20
N THR A 227 11.34 -2.01 12.10
CA THR A 227 12.57 -1.54 11.49
C THR A 227 13.44 -0.74 12.46
N LYS A 228 12.83 0.25 13.10
CA LYS A 228 13.49 1.12 14.08
C LYS A 228 13.99 0.31 15.29
N ARG A 229 13.18 -0.63 15.75
CA ARG A 229 13.52 -1.55 16.86
C ARG A 229 14.79 -2.41 16.64
N ARG A 230 15.27 -2.53 15.41
CA ARG A 230 16.51 -3.26 15.14
C ARG A 230 17.62 -2.41 14.52
N GLY A 231 17.60 -1.10 14.79
CA GLY A 231 18.66 -0.19 14.35
C GLY A 231 18.40 0.58 13.06
N GLY A 232 17.26 0.30 12.41
CA GLY A 232 16.92 0.93 11.12
C GLY A 232 16.41 2.35 11.24
N ARG A 233 16.32 3.03 10.11
CA ARG A 233 15.73 4.35 10.05
C ARG A 233 14.25 4.24 9.63
N LEU A 234 13.48 5.29 9.93
CA LEU A 234 12.07 5.39 9.61
C LEU A 234 11.79 6.76 9.01
N VAL A 235 11.22 6.78 7.83
CA VAL A 235 10.81 8.03 7.17
C VAL A 235 9.30 7.97 7.04
N ILE A 236 8.63 9.10 7.33
CA ILE A 236 7.20 9.18 7.26
C ILE A 236 6.83 10.32 6.31
N VAL A 237 6.20 9.96 5.20
CA VAL A 237 5.72 10.91 4.24
C VAL A 237 4.20 10.93 4.30
N ASN A 238 3.62 12.07 4.72
CA ASN A 238 2.18 12.20 4.90
C ASN A 238 1.79 13.65 5.11
N LEU A 239 0.69 14.07 4.53
CA LEU A 239 0.16 15.42 4.79
C LEU A 239 -0.35 15.63 6.24
N GLN A 240 -1.22 14.77 6.73
CA GLN A 240 -1.66 14.83 8.13
C GLN A 240 -0.54 14.33 9.02
N PRO A 241 -0.65 14.60 10.33
CA PRO A 241 0.17 13.85 11.28
C PRO A 241 -0.18 12.37 11.24
N THR A 242 0.75 11.54 11.72
CA THR A 242 0.53 10.11 11.85
C THR A 242 0.75 9.73 13.28
N LYS A 243 0.19 8.58 13.65
CA LYS A 243 0.27 8.04 15.01
C LYS A 243 1.69 7.85 15.51
N HIS A 244 2.63 7.65 14.59
CA HIS A 244 4.00 7.33 14.96
C HIS A 244 4.98 8.45 14.63
N ASP A 245 4.48 9.67 14.38
CA ASP A 245 5.37 10.81 14.15
C ASP A 245 6.57 10.88 15.10
N ARG A 246 6.37 10.63 16.37
CA ARG A 246 7.45 10.78 17.33
C ARG A 246 8.65 9.85 17.10
N HIS A 247 8.44 8.74 16.40
CA HIS A 247 9.48 7.76 16.13
C HIS A 247 10.20 7.95 14.78
N ALA A 248 9.78 8.92 13.99
CA ALA A 248 10.36 9.10 12.67
C ALA A 248 11.74 9.77 12.75
N ASP A 249 12.73 9.16 12.10
CA ASP A 249 14.02 9.82 11.87
C ASP A 249 13.89 10.99 10.92
N LEU A 250 12.92 10.96 10.03
CA LEU A 250 12.70 12.04 9.08
C LEU A 250 11.21 12.08 8.74
N ARG A 251 10.61 13.28 8.78
N ARG A 251 10.66 13.30 8.70
CA ARG A 251 9.17 13.45 8.54
CA ARG A 251 9.23 13.53 8.56
C ARG A 251 8.98 14.46 7.43
C ARG A 251 9.03 14.47 7.39
N ILE A 252 8.19 14.11 6.41
CA ILE A 252 7.97 14.95 5.23
C ILE A 252 6.47 15.20 5.02
N HIS A 253 6.05 16.46 5.21
CA HIS A 253 4.68 16.87 4.98
C HIS A 253 4.59 17.51 3.60
N GLY A 254 4.28 16.68 2.62
CA GLY A 254 4.01 17.15 1.26
C GLY A 254 3.30 16.13 0.43
N TYR A 255 2.81 16.56 -0.72
CA TYR A 255 2.18 15.65 -1.66
C TYR A 255 3.18 14.55 -2.02
N VAL A 256 2.68 13.32 -2.06
CA VAL A 256 3.54 12.15 -2.20
C VAL A 256 4.08 12.03 -3.65
N ASP A 257 3.25 12.38 -4.63
CA ASP A 257 3.71 12.47 -6.02
C ASP A 257 4.88 13.44 -6.19
N GLU A 258 4.77 14.66 -5.67
CA GLU A 258 5.91 15.58 -5.64
C GLU A 258 7.17 14.97 -5.01
N VAL A 259 7.03 14.35 -3.84
CA VAL A 259 8.19 13.80 -3.14
C VAL A 259 8.87 12.70 -3.97
N MET A 260 8.05 11.83 -4.55
CA MET A 260 8.57 10.72 -5.35
C MET A 260 9.16 11.22 -6.67
N THR A 261 8.54 12.20 -7.32
CA THR A 261 9.10 12.84 -8.49
C THR A 261 10.51 13.42 -8.19
N ARG A 262 10.61 14.24 -7.15
CA ARG A 262 11.91 14.77 -6.76
C ARG A 262 12.87 13.68 -6.34
N LEU A 263 12.37 12.63 -5.71
CA LEU A 263 13.25 11.55 -5.25
C LEU A 263 13.91 10.84 -6.43
N MET A 264 13.14 10.64 -7.49
CA MET A 264 13.62 9.88 -8.63
C MET A 264 14.63 10.71 -9.44
N LYS A 265 14.38 12.01 -9.60
CA LYS A 265 15.38 12.91 -10.17
C LYS A 265 16.70 12.86 -9.41
N HIS A 266 16.67 12.90 -8.09
CA HIS A 266 17.93 12.84 -7.33
C HIS A 266 18.67 11.52 -7.55
N LEU A 267 17.93 10.44 -7.75
CA LEU A 267 18.55 9.13 -7.99
C LEU A 267 18.88 8.90 -9.48
N GLY A 268 18.44 9.79 -10.35
CA GLY A 268 18.70 9.68 -11.79
C GLY A 268 17.89 8.60 -12.48
N LEU A 269 16.69 8.31 -11.95
CA LEU A 269 15.78 7.33 -12.52
C LEU A 269 14.59 8.02 -13.18
N GLU A 270 14.12 7.45 -14.29
CA GLU A 270 12.91 7.91 -14.95
C GLU A 270 11.74 7.16 -14.31
N ILE A 271 10.59 7.82 -14.23
CA ILE A 271 9.36 7.19 -13.80
C ILE A 271 8.67 6.69 -15.05
N PRO A 272 8.46 5.36 -15.19
CA PRO A 272 7.81 4.88 -16.41
C PRO A 272 6.37 5.34 -16.58
N ALA A 273 5.95 5.43 -17.85
CA ALA A 273 4.54 5.57 -18.18
C ALA A 273 3.86 4.23 -17.98
N TRP A 274 2.53 4.27 -17.93
CA TRP A 274 1.73 3.09 -17.67
C TRP A 274 0.95 2.71 -18.94
N ASP A 275 1.14 1.47 -19.41
CA ASP A 275 0.47 0.98 -20.63
C ASP A 275 -0.99 0.57 -20.41
N GLY A 276 -1.27 0.10 -19.20
CA GLY A 276 -2.58 -0.44 -18.85
C GLY A 276 -2.34 -1.61 -17.91
N PRO A 277 -3.43 -2.22 -17.41
CA PRO A 277 -3.35 -3.35 -16.47
C PRO A 277 -2.38 -4.45 -16.91
N ARG A 278 -1.30 -4.66 -16.15
CA ARG A 278 -0.25 -5.65 -16.45
C ARG A 278 0.07 -6.47 -15.19
N VAL A 279 -0.67 -7.54 -14.95
CA VAL A 279 -0.37 -8.37 -13.80
C VAL A 279 0.94 -9.16 -13.97
N LEU A 280 1.87 -8.93 -13.04
CA LEU A 280 3.17 -9.57 -13.03
C LEU A 280 3.29 -10.38 -11.75
N GLU A 281 3.30 -11.69 -11.89
CA GLU A 281 3.33 -12.59 -10.77
C GLU A 281 4.73 -12.69 -10.07
N ARG A 282 5.81 -12.62 -10.85
CA ARG A 282 7.18 -12.74 -10.30
C ARG A 282 8.06 -11.62 -10.80
N ALA A 283 8.91 -11.13 -9.91
CA ALA A 283 9.79 -10.03 -10.23
C ALA A 283 10.72 -10.47 -11.34
N LEU A 284 10.75 -9.66 -12.41
CA LEU A 284 11.73 -9.75 -13.49
C LEU A 284 13.16 -9.74 -12.90
N PRO A 285 14.14 -10.39 -13.58
CA PRO A 285 15.53 -10.33 -13.07
C PRO A 285 16.02 -8.88 -12.88
N PRO A 286 16.77 -8.58 -11.78
CA PRO A 286 17.09 -7.17 -11.45
C PRO A 286 17.82 -6.40 -12.57
N LEU A 287 17.44 -5.15 -12.80
CA LEU A 287 18.28 -4.25 -13.62
C LEU A 287 19.52 -3.90 -12.82
N PRO A 288 20.60 -3.48 -13.52
CA PRO A 288 21.78 -3.12 -12.75
C PRO A 288 21.51 -1.85 -11.94
N ARG A 289 22.00 -1.85 -10.70
CA ARG A 289 21.99 -0.67 -9.83
C ARG A 289 22.47 0.56 -10.64
N PRO A 290 21.76 1.70 -10.57
CA PRO A 290 22.14 2.85 -11.43
C PRO A 290 23.50 3.47 -11.03
N PRO A 291 24.00 4.46 -11.79
CA PRO A 291 25.28 5.05 -11.38
C PRO A 291 25.10 5.97 -10.18
N THR A 292 26.10 6.01 -9.28
CA THR A 292 26.07 6.85 -8.07
C THR A 292 25.44 8.22 -8.33
N PRO A 293 24.38 8.59 -7.59
CA PRO A 293 23.77 9.89 -7.82
C PRO A 293 24.60 11.06 -7.26
N LYS A 294 24.39 12.25 -7.83
CA LYS A 294 25.17 13.44 -7.49
C LYS A 294 24.61 14.12 -6.23
N LEU A 295 25.49 14.77 -5.46
CA LEU A 295 25.12 15.41 -4.18
C LEU A 295 24.41 16.77 -4.35
N GLU A 296 23.80 17.26 -3.27
CA GLU A 296 22.94 18.45 -3.27
C GLU A 296 23.69 19.75 -3.65
N PRO A 297 23.09 20.61 -4.52
CA PRO A 297 23.75 21.87 -4.90
C PRO A 297 23.60 22.96 -3.82
N THR B 2 -3.04 -15.54 14.58
CA THR B 2 -3.64 -14.70 13.49
C THR B 2 -4.05 -13.31 14.00
N ALA B 3 -3.34 -12.28 13.52
CA ALA B 3 -3.54 -10.92 13.98
C ALA B 3 -4.63 -10.17 13.21
N ARG B 4 -5.42 -9.41 13.96
CA ARG B 4 -6.65 -8.82 13.47
C ARG B 4 -6.52 -7.33 13.18
N LYS B 5 -7.26 -6.94 12.16
CA LYS B 5 -7.28 -5.58 11.69
C LYS B 5 -8.07 -4.73 12.66
N SER B 6 -7.42 -3.84 13.40
CA SER B 6 -8.10 -2.87 14.29
C SER B 6 -7.26 -1.64 14.60
N THR B 7 -7.83 -0.74 15.39
CA THR B 7 -7.11 0.37 16.03
C THR B 7 -6.38 -0.08 17.28
N GLY B 8 -6.82 -1.19 17.90
CA GLY B 8 -6.15 -1.78 19.07
C GLY B 8 -6.17 -0.98 20.38
N GLY B 9 -7.30 -0.31 20.68
CA GLY B 9 -7.41 0.50 21.90
C GLY B 9 -8.58 1.46 21.87
N1 AR6 C . 0.33 13.04 -0.33
C2 AR6 C . 0.66 12.75 0.94
N3 AR6 C . -0.25 12.36 1.86
C4 AR6 C . -1.55 12.25 1.53
C5 AR6 C . -1.97 12.53 0.18
C6 AR6 C . -0.94 12.94 -0.77
N6 AR6 C . -1.30 13.25 -2.04
N7 AR6 C . -3.27 12.35 0.11
C8 AR6 C . -3.67 11.94 1.34
N9 AR6 C . -2.63 11.90 2.19
PA AR6 C . -5.91 7.11 6.09
PB AR6 C . -4.72 4.54 5.66
C1' AR6 C . -2.61 11.45 3.60
O1A AR6 C . -6.08 6.94 7.60
O1B AR6 C . -4.44 4.10 4.27
C1D AR6 C . -9.19 1.92 6.75
O1D AR6 C . -10.26 1.48 7.59
C2' AR6 C . -3.73 11.93 4.51
O2' AR6 C . -3.33 13.16 5.12
O2A AR6 C . -6.97 7.81 5.29
O2B AR6 C . -3.63 4.97 6.63
C2D AR6 C . -8.83 0.94 5.64
O2D AR6 C . -8.94 -0.39 6.18
C3' AR6 C . -3.94 10.79 5.50
O3' AR6 C . -3.35 10.99 6.79
O3A AR6 C . -5.87 5.61 5.46
C3D AR6 C . -7.37 1.29 5.39
O3D AR6 C . -6.57 0.25 4.81
C4' AR6 C . -3.25 9.58 4.86
O4' AR6 C . -2.73 10.02 3.60
C4D AR6 C . -6.90 1.65 6.81
O4D AR6 C . -8.05 1.93 7.59
C5' AR6 C . -4.22 8.45 4.64
O5' AR6 C . -4.50 7.80 5.88
C5D AR6 C . -6.30 3.00 6.93
O5D AR6 C . -5.17 3.12 6.19
C17 8L9 D . -17.28 0.57 -4.16
C18 8L9 D . -16.63 -0.51 -4.77
C20 8L9 D . -16.50 -0.55 -6.16
C22 8L9 D . -17.00 0.49 -6.98
C23 8L9 D . -17.64 1.59 -6.37
C24 8L9 D . -17.77 1.62 -4.97
C26 8L9 D . -18.23 2.76 -7.08
C01 8L9 D . -18.30 5.07 -0.12
C03 8L9 D . -19.07 4.12 0.56
C04 8L9 D . -19.25 2.84 0.01
C06 8L9 D . -18.67 2.53 -1.22
C07 8L9 D . -17.89 3.49 -1.91
C09 8L9 D . -17.72 4.76 -1.36
CL1 8L9 D . -16.79 5.95 -2.19
CL2 8L9 D . -19.76 4.54 2.08
S12 8L9 D . -18.91 0.91 -1.93
N13 8L9 D . -17.43 0.63 -2.72
O15 8L9 D . -19.99 1.04 -2.89
O16 8L9 D . -19.04 -0.01 -0.83
O27 8L9 D . -19.49 2.49 -7.49
O29 8L9 D . -17.63 3.82 -7.25
S30 8L9 D . -16.77 0.39 -8.74
O31 8L9 D . -16.27 1.71 -9.06
O32 8L9 D . -15.87 -0.71 -9.02
N33 8L9 D . -18.30 0.09 -9.50
C35 8L9 D . -18.89 -1.23 -9.58
C36 8L9 D . -19.52 -1.72 -8.43
C38 8L9 D . -20.13 -2.98 -8.43
C39 8L9 D . -20.11 -3.78 -9.58
C40 8L9 D . -19.49 -3.31 -10.73
C42 8L9 D . -18.88 -2.04 -10.75
C43 8L9 D . -18.24 -1.62 -12.04
F1 8L9 D . -20.69 -4.99 -9.59
BR1 8L9 D . -20.96 -3.58 -6.84
ZN ZN E . -9.92 -24.38 -5.20
C1 GOL F . 1.70 4.75 20.03
O1 GOL F . 1.07 6.03 20.22
C2 GOL F . 3.20 4.88 19.68
O2 GOL F . 3.45 6.11 18.97
C3 GOL F . 4.06 4.79 20.94
O3 GOL F . 4.83 5.97 21.17
C1 GOL G . -1.03 -17.54 -9.73
O1 GOL G . -0.60 -18.82 -10.23
C2 GOL G . -2.25 -17.76 -8.86
O2 GOL G . -2.49 -16.59 -8.06
C3 GOL G . -3.42 -18.11 -9.76
O3 GOL G . -4.06 -16.93 -10.27
C1 GOL H . 12.37 5.54 21.32
O1 GOL H . 11.49 6.24 22.21
C2 GOL H . 11.98 5.83 19.86
O2 GOL H . 12.98 6.59 19.19
C3 GOL H . 11.75 4.53 19.08
O3 GOL H . 12.90 3.69 19.16
C1 GOL I . 23.42 10.10 8.33
O1 GOL I . 22.23 9.75 9.03
C2 GOL I . 23.26 9.77 6.84
O2 GOL I . 24.54 9.91 6.22
C3 GOL I . 22.22 10.67 6.17
O3 GOL I . 22.56 11.04 4.82
C1 GOL J . -19.26 -5.14 -2.43
O1 GOL J . -20.33 -4.27 -2.07
C2 GOL J . -18.17 -4.48 -3.31
O2 GOL J . -17.19 -5.44 -3.77
C3 GOL J . -18.83 -3.85 -4.53
O3 GOL J . -17.86 -3.23 -5.37
S SO4 K . -14.79 -21.58 6.27
O1 SO4 K . -14.15 -20.27 6.55
O2 SO4 K . -16.26 -21.47 6.48
O3 SO4 K . -14.51 -21.99 4.87
O4 SO4 K . -14.22 -22.57 7.20
S SO4 L . -23.57 -13.46 -4.90
O1 SO4 L . -24.57 -12.66 -4.15
O2 SO4 L . -22.31 -12.70 -5.01
O3 SO4 L . -24.10 -13.75 -6.26
O4 SO4 L . -23.34 -14.75 -4.20
S SO4 M . 1.08 -5.42 16.40
O1 SO4 M . 1.33 -4.48 15.29
O2 SO4 M . 1.96 -4.99 17.54
O3 SO4 M . -0.35 -5.39 16.77
O4 SO4 M . 1.44 -6.79 15.97
S SO4 N . -5.54 15.31 -1.04
O1 SO4 N . -6.65 15.98 -1.76
O2 SO4 N . -4.98 16.22 0.01
O3 SO4 N . -4.49 14.95 -2.03
O4 SO4 N . -6.09 14.08 -0.44
S SO4 O . 8.70 18.13 11.52
O1 SO4 O . 7.90 18.82 10.49
O2 SO4 O . 9.04 19.06 12.62
O3 SO4 O . 7.91 17.01 12.09
O4 SO4 O . 9.96 17.64 10.88
S SO4 P . 17.31 19.41 -9.56
O1 SO4 P . 18.29 19.12 -8.47
O2 SO4 P . 17.26 20.87 -9.82
O3 SO4 P . 15.97 18.90 -9.17
O4 SO4 P . 17.72 18.70 -10.80
C1 PEG Q . 2.35 -10.41 13.52
O1 PEG Q . 1.27 -9.84 14.27
C2 PEG Q . 3.44 -9.39 13.18
O2 PEG Q . 3.12 -8.05 13.62
C3 PEG Q . 4.12 -7.40 14.45
C4 PEG Q . 4.05 -5.88 14.37
O4 PEG Q . 5.34 -5.28 14.15
C1 HDR R . -11.64 -2.31 7.60
C2 HDR R . -12.84 -2.33 6.70
C3 HDR R . -12.58 -1.37 5.54
C4 HDR R . -13.42 -1.73 4.33
C5 HDR R . -12.75 -1.22 3.05
C6 HDR R . -13.76 -0.86 2.00
C7 HDR R . -13.23 0.13 0.96
C8 HDR R . -14.23 1.27 0.77
C9 HDR R . -14.04 2.00 -0.53
C10 HDR R . -13.28 3.32 -0.36
C11 HDR R . -12.98 4.03 -1.69
C12 HDR R . -14.08 3.94 -2.77
C13 HDR R . -13.95 4.98 -3.89
C14 HDR R . -14.50 4.50 -5.23
S1 HDR R . -11.65 -1.39 8.87
S SO4 S . -4.09 -9.83 17.53
O1 SO4 S . -3.77 -9.05 18.76
O2 SO4 S . -4.04 -8.91 16.37
O3 SO4 S . -3.09 -10.91 17.37
O4 SO4 S . -5.46 -10.39 17.64
#